data_8EKZ
#
_entry.id   8EKZ
#
_cell.length_a   43.146
_cell.length_b   60.993
_cell.length_c   44.429
_cell.angle_alpha   90.000
_cell.angle_beta   116.578
_cell.angle_gamma   90.000
#
_symmetry.space_group_name_H-M   'P 1 21 1'
#
loop_
_entity.id
_entity.type
_entity.pdbx_description
1 polymer "DNA (5'-D(*AP*AP*TP*AP*AP*GP*GP*AP*GP*AP*AP*GP*TP*AP*GP*G)-3')"
2 polymer "DNA (5'-D(*TP*CP*CP*TP*AP*CP*TP*TP*CP*TP*CP*CP*TP*TP*AP*T)-3')"
3 polymer 'Transcription factor PU.1'
4 non-polymer 'SODIUM ION'
5 water water
#
loop_
_entity_poly.entity_id
_entity_poly.type
_entity_poly.pdbx_seq_one_letter_code
_entity_poly.pdbx_strand_id
1 'polydeoxyribonucleotide' (DA)(DA)(DT)(DA)(DA)(DG)(DG)(DA)(DG)(DA)(DA)(DG)(DT)(DA)(DG)(DG) C
2 'polydeoxyribonucleotide' (DT)(DC)(DC)(DT)(DA)(DC)(DT)(DT)(DC)(DT)(DC)(DC)(DT)(DT)(DA)(DT) D
3 'polypeptide(L)'
;GSKKKIRLYQFLLDLLRSGDMKDSIWWVDKDKGTFQFSSKHKEALAHRWGIQKGNRKKMTYQKMARALRNYGKTGEVKKV
KKKLTYQFSGEVLGRGGLAERRHPPH
;
F
#
# COMPACT_ATOMS: atom_id res chain seq x y z
N LYS C 5 -0.24 13.30 10.87
CA LYS C 5 0.65 12.42 10.12
C LYS C 5 -0.16 11.47 9.24
N ILE C 6 0.40 11.16 8.08
CA ILE C 6 -0.36 10.46 7.05
C ILE C 6 -0.57 9.00 7.46
N ARG C 7 -1.74 8.48 7.15
CA ARG C 7 -2.03 7.07 7.38
C ARG C 7 -1.54 6.22 6.22
N LEU C 8 -1.24 4.96 6.53
CA LEU C 8 -0.67 4.05 5.55
C LEU C 8 -1.55 3.95 4.30
N TYR C 9 -2.86 3.77 4.48
CA TYR C 9 -3.70 3.61 3.29
C TYR C 9 -3.66 4.85 2.41
N GLN C 10 -3.52 6.03 3.02
CA GLN C 10 -3.48 7.27 2.25
C GLN C 10 -2.14 7.43 1.53
N PHE C 11 -1.06 7.03 2.18
CA PHE C 11 0.26 6.99 1.53
C PHE C 11 0.21 6.16 0.25
N LEU C 12 -0.42 4.97 0.32
CA LEU C 12 -0.49 4.09 -0.84
C LEU C 12 -1.37 4.68 -1.93
N LEU C 13 -2.54 5.20 -1.55
CA LEU C 13 -3.44 5.83 -2.52
C LEU C 13 -2.78 7.03 -3.19
N ASP C 14 -2.05 7.84 -2.42
CA ASP C 14 -1.34 8.98 -2.99
C ASP C 14 -0.28 8.54 -3.99
N LEU C 15 0.48 7.49 -3.66
CA LEU C 15 1.47 6.97 -4.60
C LEU C 15 0.80 6.52 -5.91
N LEU C 16 -0.31 5.80 -5.80
CA LEU C 16 -1.00 5.34 -7.00
C LEU C 16 -1.50 6.52 -7.83
N ARG C 17 -1.92 7.60 -7.19
CA ARG C 17 -2.43 8.75 -7.95
C ARG C 17 -1.32 9.55 -8.61
N SER C 18 -0.18 9.68 -7.93
CA SER C 18 0.93 10.48 -8.46
C SER C 18 1.75 9.72 -9.48
N GLY C 19 1.76 8.38 -9.42
CA GLY C 19 2.59 7.56 -10.28
C GLY C 19 4.07 7.58 -9.96
N ASP C 20 4.47 7.98 -8.76
CA ASP C 20 5.89 8.21 -8.50
C ASP C 20 6.69 6.92 -8.32
N MET C 21 6.04 5.79 -8.02
CA MET C 21 6.71 4.51 -7.84
C MET C 21 6.01 3.44 -8.66
N LYS C 22 5.84 3.71 -9.96
CA LYS C 22 5.05 2.84 -10.83
C LYS C 22 5.63 1.44 -10.97
N ASP C 23 6.93 1.27 -10.70
CA ASP C 23 7.53 -0.06 -10.78
C ASP C 23 7.38 -0.84 -9.48
N SER C 24 6.85 -0.22 -8.42
CA SER C 24 6.64 -0.90 -7.15
C SER C 24 5.19 -1.21 -6.83
N ILE C 25 4.25 -0.47 -7.41
CA ILE C 25 2.83 -0.61 -7.10
C ILE C 25 2.03 -0.12 -8.31
N TRP C 26 0.87 -0.73 -8.55
CA TRP C 26 0.04 -0.33 -9.68
C TRP C 26 -1.42 -0.74 -9.46
N TRP C 27 -2.31 -0.05 -10.16
CA TRP C 27 -3.71 -0.48 -10.18
C TRP C 27 -3.83 -1.77 -10.98
N VAL C 28 -4.72 -2.64 -10.51
CA VAL C 28 -5.15 -3.79 -11.28
C VAL C 28 -6.46 -3.51 -11.98
N ASP C 29 -7.49 -3.09 -11.22
CA ASP C 29 -8.77 -2.64 -11.77
C ASP C 29 -9.11 -1.33 -11.09
N LYS C 30 -8.86 -0.23 -11.81
CA LYS C 30 -9.07 1.10 -11.26
C LYS C 30 -10.51 1.29 -10.79
N ASP C 31 -11.48 0.85 -11.59
CA ASP C 31 -12.89 1.00 -11.19
C ASP C 31 -13.15 0.35 -9.84
N LYS C 32 -12.56 -0.81 -9.59
CA LYS C 32 -12.78 -1.54 -8.35
C LYS C 32 -11.86 -1.11 -7.22
N GLY C 33 -10.85 -0.30 -7.52
CA GLY C 33 -9.88 0.06 -6.50
C GLY C 33 -8.94 -1.05 -6.08
N THR C 34 -8.70 -2.04 -6.93
CA THR C 34 -7.73 -3.09 -6.63
C THR C 34 -6.35 -2.70 -7.12
N PHE C 35 -5.34 -3.05 -6.32
CA PHE C 35 -3.96 -2.69 -6.63
C PHE C 35 -3.04 -3.83 -6.21
N GLN C 36 -1.82 -3.81 -6.76
CA GLN C 36 -0.86 -4.90 -6.57
C GLN C 36 0.55 -4.35 -6.38
N PHE C 37 1.29 -4.96 -5.46
CA PHE C 37 2.70 -4.64 -5.27
C PHE C 37 3.58 -5.49 -6.20
N SER C 38 4.72 -4.92 -6.58
CA SER C 38 5.77 -5.66 -7.31
C SER C 38 6.48 -6.63 -6.40
N SER C 39 6.62 -7.89 -6.84
CA SER C 39 7.39 -8.82 -6.02
C SER C 39 8.82 -8.33 -5.80
N LYS C 40 9.48 -7.87 -6.86
CA LYS C 40 10.89 -7.54 -6.78
C LYS C 40 11.16 -6.13 -6.33
N HIS C 41 10.17 -5.23 -6.35
CA HIS C 41 10.44 -3.81 -6.10
C HIS C 41 9.57 -3.24 -4.98
N LYS C 42 8.82 -4.07 -4.26
CA LYS C 42 8.02 -3.56 -3.17
C LYS C 42 8.88 -3.07 -2.00
N GLU C 43 10.07 -3.62 -1.79
CA GLU C 43 10.84 -3.20 -0.62
CA GLU C 43 10.84 -3.20 -0.62
C GLU C 43 11.23 -1.73 -0.71
N ALA C 44 11.49 -1.21 -1.92
CA ALA C 44 11.83 0.21 -2.02
C ALA C 44 10.67 1.09 -1.59
N LEU C 45 9.44 0.65 -1.87
CA LEU C 45 8.25 1.38 -1.43
C LEU C 45 8.09 1.29 0.09
N ALA C 46 8.27 0.11 0.66
CA ALA C 46 8.26 -0.02 2.11
C ALA C 46 9.28 0.89 2.77
N HIS C 47 10.51 0.91 2.24
CA HIS C 47 11.52 1.80 2.80
C HIS C 47 11.01 3.25 2.83
N ARG C 48 10.37 3.68 1.74
CA ARG C 48 9.91 5.06 1.65
CA ARG C 48 9.90 5.07 1.65
C ARG C 48 8.85 5.36 2.72
N TRP C 49 7.94 4.42 2.97
CA TRP C 49 6.95 4.58 4.04
C TRP C 49 7.62 4.82 5.39
N GLY C 50 8.58 3.99 5.76
CA GLY C 50 9.24 4.17 7.05
C GLY C 50 9.96 5.49 7.18
N ILE C 51 10.63 5.92 6.11
CA ILE C 51 11.30 7.21 6.14
C ILE C 51 10.29 8.34 6.28
N GLN C 52 9.20 8.29 5.52
CA GLN C 52 8.16 9.31 5.64
C GLN C 52 7.63 9.41 7.07
N LYS C 53 7.51 8.27 7.74
CA LYS C 53 6.99 8.22 9.11
C LYS C 53 8.05 8.58 10.15
N GLY C 54 9.33 8.59 9.77
CA GLY C 54 10.38 8.84 10.75
C GLY C 54 10.59 7.71 11.74
N ASN C 55 10.30 6.48 11.35
CA ASN C 55 10.38 5.36 12.27
C ASN C 55 11.84 5.07 12.60
N ARG C 56 12.04 4.48 13.78
CA ARG C 56 13.38 4.18 14.26
C ARG C 56 14.09 3.16 13.36
N LYS C 57 13.41 2.07 13.00
CA LYS C 57 14.00 1.01 12.20
C LYS C 57 13.67 1.19 10.73
N LYS C 58 14.43 0.52 9.87
CA LYS C 58 14.09 0.42 8.47
C LYS C 58 12.78 -0.35 8.29
N MET C 59 11.87 0.19 7.48
CA MET C 59 10.59 -0.48 7.21
C MET C 59 10.80 -1.57 6.16
N THR C 60 10.04 -2.65 6.31
CA THR C 60 10.06 -3.80 5.42
C THR C 60 8.66 -4.06 4.90
N TYR C 61 8.56 -4.78 3.78
CA TYR C 61 7.24 -5.16 3.29
C TYR C 61 6.50 -6.00 4.32
N GLN C 62 7.22 -6.83 5.08
CA GLN C 62 6.54 -7.68 6.06
C GLN C 62 5.87 -6.84 7.15
N LYS C 63 6.58 -5.81 7.65
CA LYS C 63 5.98 -4.96 8.68
C LYS C 63 4.85 -4.11 8.10
N MET C 64 5.00 -3.69 6.84
CA MET C 64 3.95 -2.90 6.21
C MET C 64 2.69 -3.75 6.00
N ALA C 65 2.87 -5.01 5.61
CA ALA C 65 1.73 -5.92 5.45
C ALA C 65 1.07 -6.25 6.78
N ARG C 66 1.85 -6.30 7.87
CA ARG C 66 1.26 -6.50 9.18
C ARG C 66 0.30 -5.37 9.51
N ALA C 67 0.71 -4.12 9.21
CA ALA C 67 -0.19 -3.00 9.39
C ALA C 67 -1.39 -3.07 8.44
N LEU C 68 -1.17 -3.43 7.18
CA LEU C 68 -2.29 -3.50 6.24
C LEU C 68 -3.37 -4.46 6.70
N ARG C 69 -2.97 -5.59 7.29
CA ARG C 69 -3.97 -6.57 7.72
C ARG C 69 -4.87 -6.02 8.81
N ASN C 70 -4.39 -5.04 9.59
CA ASN C 70 -5.23 -4.46 10.64
C ASN C 70 -6.39 -3.63 10.11
N TYR C 71 -6.36 -3.26 8.83
CA TYR C 71 -7.50 -2.59 8.21
C TYR C 71 -8.62 -3.54 7.80
N GLY C 72 -8.40 -4.85 7.86
CA GLY C 72 -9.41 -5.78 7.35
C GLY C 72 -10.76 -5.61 8.03
N LYS C 73 -10.75 -5.34 9.33
CA LYS C 73 -12.00 -5.26 10.08
C LYS C 73 -12.73 -3.95 9.75
N THR C 74 -12.02 -2.84 9.77
CA THR C 74 -12.65 -1.54 9.54
C THR C 74 -12.90 -1.30 8.05
N GLY C 75 -12.10 -1.91 7.17
CA GLY C 75 -12.42 -2.02 5.76
C GLY C 75 -11.72 -1.06 4.82
N GLU C 76 -10.80 -0.22 5.31
CA GLU C 76 -10.14 0.72 4.42
C GLU C 76 -9.38 0.02 3.30
N VAL C 77 -8.70 -1.08 3.63
CA VAL C 77 -7.97 -1.91 2.69
C VAL C 77 -8.27 -3.36 3.06
N LYS C 78 -8.59 -4.17 2.06
CA LYS C 78 -8.78 -5.60 2.25
C LYS C 78 -7.86 -6.37 1.32
N LYS C 79 -7.37 -7.50 1.80
CA LYS C 79 -6.59 -8.39 0.96
C LYS C 79 -7.49 -9.09 -0.06
N VAL C 80 -7.01 -9.19 -1.30
CA VAL C 80 -7.67 -9.95 -2.36
C VAL C 80 -6.92 -11.26 -2.53
N LYS C 81 -7.64 -12.31 -2.96
CA LYS C 81 -7.02 -13.62 -3.11
C LYS C 81 -6.25 -13.74 -4.42
N LYS C 82 -5.35 -12.78 -4.66
CA LYS C 82 -4.41 -12.78 -5.78
C LYS C 82 -3.08 -12.31 -5.21
N LYS C 83 -1.99 -12.79 -5.82
CA LYS C 83 -0.66 -12.50 -5.29
C LYS C 83 -0.44 -11.01 -5.13
N LEU C 84 -0.07 -10.59 -3.92
CA LEU C 84 0.36 -9.22 -3.63
C LEU C 84 -0.72 -8.19 -3.90
N THR C 85 -1.99 -8.60 -3.92
CA THR C 85 -3.10 -7.76 -4.36
C THR C 85 -4.02 -7.41 -3.19
N TYR C 86 -4.47 -6.15 -3.16
CA TYR C 86 -5.33 -5.60 -2.12
C TYR C 86 -6.39 -4.72 -2.79
N GLN C 87 -7.35 -4.23 -2.00
CA GLN C 87 -8.43 -3.38 -2.51
C GLN C 87 -8.83 -2.30 -1.51
N PHE C 88 -8.89 -1.04 -1.96
CA PHE C 88 -9.41 0.05 -1.15
C PHE C 88 -10.93 0.01 -1.08
N SER C 89 -11.48 0.50 0.01
CA SER C 89 -12.92 0.68 0.10
C SER C 89 -13.38 1.84 -0.78
N GLY C 90 -14.67 1.79 -1.16
CA GLY C 90 -15.28 2.91 -1.86
C GLY C 90 -15.18 4.20 -1.08
N GLU C 91 -15.30 4.13 0.25
CA GLU C 91 -15.17 5.32 1.07
C GLU C 91 -13.78 5.93 0.92
N VAL C 92 -12.74 5.12 1.04
CA VAL C 92 -11.37 5.62 0.88
C VAL C 92 -11.19 6.22 -0.51
N LEU C 93 -11.77 5.58 -1.53
CA LEU C 93 -11.61 6.05 -2.91
C LEU C 93 -12.42 7.29 -3.22
N GLY C 94 -13.55 7.48 -2.54
CA GLY C 94 -14.47 8.57 -2.80
C GLY C 94 -14.04 9.85 -2.13
#